data_1S13
#
_entry.id   1S13
#
_cell.length_a   55.070
_cell.length_b   75.750
_cell.length_c   107.310
_cell.angle_alpha   90.00
_cell.angle_beta   90.00
_cell.angle_gamma   90.00
#
_symmetry.space_group_name_H-M   'P 21 21 21'
#
loop_
_entity.id
_entity.type
_entity.pdbx_description
1 polymer 'Heme oxygenase 1'
2 non-polymer 2-PHENYLHEME
3 water water
#
_entity_poly.entity_id   1
_entity_poly.type   'polypeptide(L)'
_entity_poly.pdbx_seq_one_letter_code
;MERPQPDSMPQDLSEALKEATKEVHTQAENAEFMRNFQKGQVTRDGFKLVMASLYHIYVALEEEIERNKESPVFAPVYFP
EELHRKAALEQDLAFWYGPRWQEVIPYTPAMQRYVKRLHEVGRTEPELLVAHAYTRYLGDLSGGQVLKKIAQKALDLPSS
GEGLAFFTFPNIASATKFKQLYRSRMNSLEMTPAVRQRVIEEAKTAFLLNIQLFEELQELLTHDTKDQSPSRA
;
_entity_poly.pdbx_strand_id   A,B
#
# COMPACT_ATOMS: atom_id res chain seq x y z
N PRO A 10 -9.11 31.07 -0.86
CA PRO A 10 -9.11 30.32 0.43
C PRO A 10 -9.38 28.81 0.27
N GLN A 11 -9.89 28.21 1.34
CA GLN A 11 -10.17 26.77 1.37
C GLN A 11 -11.44 26.37 0.64
N ASP A 12 -12.47 27.22 0.66
CA ASP A 12 -13.70 26.91 -0.05
C ASP A 12 -13.49 27.07 -1.55
N LEU A 13 -14.02 26.14 -2.33
CA LEU A 13 -13.89 26.20 -3.77
C LEU A 13 -14.33 27.58 -4.29
N SER A 14 -15.44 28.07 -3.77
CA SER A 14 -15.99 29.36 -4.20
C SER A 14 -14.98 30.49 -4.06
N GLU A 15 -14.15 30.44 -3.02
CA GLU A 15 -13.15 31.48 -2.82
C GLU A 15 -11.87 31.18 -3.59
N ALA A 16 -11.52 29.91 -3.69
CA ALA A 16 -10.32 29.54 -4.42
C ALA A 16 -10.48 29.96 -5.88
N LEU A 17 -11.68 29.73 -6.42
CA LEU A 17 -11.98 30.10 -7.80
C LEU A 17 -11.91 31.60 -8.03
N LYS A 18 -12.43 32.36 -7.07
CA LYS A 18 -12.45 33.80 -7.18
C LYS A 18 -11.04 34.38 -7.21
N GLU A 19 -10.17 33.84 -6.36
CA GLU A 19 -8.80 34.31 -6.24
C GLU A 19 -7.89 33.87 -7.38
N ALA A 20 -8.04 32.64 -7.84
CA ALA A 20 -7.21 32.11 -8.92
C ALA A 20 -7.51 32.76 -10.27
N THR A 21 -8.72 33.29 -10.42
CA THR A 21 -9.12 33.93 -11.68
C THR A 21 -9.01 35.45 -11.64
N LYS A 22 -8.57 35.98 -10.50
CA LYS A 22 -8.41 37.41 -10.35
C LYS A 22 -7.55 37.95 -11.49
N GLU A 23 -6.46 37.24 -11.76
CA GLU A 23 -5.52 37.62 -12.82
C GLU A 23 -6.13 37.62 -14.22
N VAL A 24 -6.69 36.49 -14.64
CA VAL A 24 -7.28 36.42 -15.99
C VAL A 24 -8.46 37.35 -16.16
N HIS A 25 -9.14 37.68 -15.06
CA HIS A 25 -10.29 38.57 -15.15
C HIS A 25 -9.84 39.97 -15.53
N THR A 26 -8.71 40.38 -14.97
CA THR A 26 -8.16 41.69 -15.27
C THR A 26 -7.75 41.73 -16.74
N GLN A 27 -7.37 40.57 -17.27
CA GLN A 27 -6.98 40.48 -18.67
C GLN A 27 -8.24 40.64 -19.52
N ALA A 28 -9.35 40.12 -19.02
CA ALA A 28 -10.61 40.21 -19.74
C ALA A 28 -10.93 41.70 -19.87
N GLU A 29 -10.94 42.40 -18.74
CA GLU A 29 -11.23 43.83 -18.72
C GLU A 29 -10.28 44.59 -19.64
N ASN A 30 -9.05 44.12 -19.75
CA ASN A 30 -8.04 44.77 -20.57
C ASN A 30 -8.12 44.43 -22.05
N ALA A 31 -9.03 43.55 -22.43
CA ALA A 31 -9.18 43.19 -23.83
C ALA A 31 -9.68 44.43 -24.56
N GLU A 32 -8.95 44.88 -25.58
CA GLU A 32 -9.30 46.07 -26.33
C GLU A 32 -10.80 46.18 -26.61
N PHE A 33 -11.37 45.16 -27.23
CA PHE A 33 -12.78 45.17 -27.54
C PHE A 33 -13.59 45.45 -26.28
N MET A 34 -13.23 44.76 -25.21
CA MET A 34 -13.95 44.92 -23.95
C MET A 34 -13.59 46.22 -23.26
N ARG A 35 -12.37 46.70 -23.53
CA ARG A 35 -11.89 47.94 -22.96
C ARG A 35 -12.64 49.09 -23.62
N ASN A 36 -12.81 49.00 -24.93
CA ASN A 36 -13.52 50.00 -25.70
C ASN A 36 -15.00 50.02 -25.30
N PHE A 37 -15.50 48.87 -24.86
CA PHE A 37 -16.88 48.76 -24.45
C PHE A 37 -17.09 49.51 -23.13
N GLN A 38 -16.22 49.26 -22.17
CA GLN A 38 -16.31 49.90 -20.86
C GLN A 38 -16.19 51.42 -20.95
N LYS A 39 -15.66 51.92 -22.07
CA LYS A 39 -15.49 53.36 -22.26
C LYS A 39 -16.61 54.00 -23.08
N GLY A 40 -17.72 53.29 -23.21
CA GLY A 40 -18.85 53.82 -23.96
C GLY A 40 -18.85 53.50 -25.43
N GLN A 41 -17.69 53.63 -26.08
CA GLN A 41 -17.59 53.34 -27.51
C GLN A 41 -17.89 51.89 -27.88
N VAL A 42 -19.12 51.67 -28.36
CA VAL A 42 -19.58 50.34 -28.76
C VAL A 42 -20.63 50.43 -29.86
N THR A 43 -20.37 49.77 -30.99
CA THR A 43 -21.29 49.78 -32.12
C THR A 43 -22.46 48.83 -31.92
N ARG A 44 -23.52 49.03 -32.69
CA ARG A 44 -24.68 48.17 -32.61
C ARG A 44 -24.28 46.80 -33.14
N ASP A 45 -23.43 46.82 -34.17
CA ASP A 45 -22.96 45.58 -34.79
C ASP A 45 -22.04 44.80 -33.85
N GLY A 46 -21.34 45.51 -32.96
CA GLY A 46 -20.46 44.85 -32.02
C GLY A 46 -21.27 44.24 -30.90
N PHE A 47 -22.35 44.92 -30.52
CA PHE A 47 -23.20 44.40 -29.46
C PHE A 47 -23.97 43.19 -29.99
N LYS A 48 -24.27 43.19 -31.27
CA LYS A 48 -24.99 42.07 -31.86
C LYS A 48 -24.09 40.85 -31.85
N LEU A 49 -22.81 41.07 -32.11
CA LEU A 49 -21.82 40.00 -32.12
C LEU A 49 -21.64 39.34 -30.76
N VAL A 50 -21.77 40.12 -29.68
CA VAL A 50 -21.63 39.54 -28.35
C VAL A 50 -22.91 38.82 -27.97
N MET A 51 -24.05 39.34 -28.42
CA MET A 51 -25.32 38.68 -28.10
C MET A 51 -25.39 37.35 -28.85
N ALA A 52 -24.83 37.32 -30.05
CA ALA A 52 -24.80 36.11 -30.86
C ALA A 52 -23.87 35.13 -30.18
N SER A 53 -22.71 35.65 -29.75
CA SER A 53 -21.72 34.84 -29.06
C SER A 53 -22.37 34.19 -27.83
N LEU A 54 -23.04 34.99 -27.02
CA LEU A 54 -23.69 34.50 -25.82
C LEU A 54 -24.70 33.39 -26.11
N TYR A 55 -25.47 33.56 -27.19
CA TYR A 55 -26.46 32.57 -27.58
C TYR A 55 -25.82 31.18 -27.79
N HIS A 56 -24.77 31.10 -28.61
CA HIS A 56 -24.12 29.81 -28.87
C HIS A 56 -23.47 29.23 -27.62
N ILE A 57 -22.77 30.07 -26.87
CA ILE A 57 -22.13 29.64 -25.64
C ILE A 57 -23.15 29.00 -24.69
N TYR A 58 -24.23 29.71 -24.44
CA TYR A 58 -25.28 29.23 -23.54
C TYR A 58 -26.08 28.05 -24.05
N VAL A 59 -26.25 27.93 -25.36
CA VAL A 59 -26.99 26.78 -25.88
C VAL A 59 -26.15 25.54 -25.53
N ALA A 60 -24.85 25.63 -25.82
CA ALA A 60 -23.91 24.57 -25.55
C ALA A 60 -23.85 24.25 -24.07
N LEU A 61 -23.70 25.27 -23.24
CA LEU A 61 -23.60 25.07 -21.80
C LEU A 61 -24.85 24.46 -21.18
N GLU A 62 -26.02 24.97 -21.56
CA GLU A 62 -27.25 24.46 -20.98
C GLU A 62 -27.59 23.04 -21.46
N GLU A 63 -27.05 22.66 -22.61
CA GLU A 63 -27.26 21.31 -23.13
C GLU A 63 -26.48 20.34 -22.25
N GLU A 64 -25.23 20.68 -21.98
CA GLU A 64 -24.37 19.85 -21.18
C GLU A 64 -24.85 19.78 -19.72
N ILE A 65 -25.42 20.87 -19.22
CA ILE A 65 -25.94 20.87 -17.85
C ILE A 65 -27.13 19.91 -17.78
N GLU A 66 -27.95 19.88 -18.83
CA GLU A 66 -29.09 18.97 -18.84
C GLU A 66 -28.60 17.54 -18.82
N ARG A 67 -27.56 17.26 -19.59
CA ARG A 67 -27.00 15.91 -19.64
C ARG A 67 -26.47 15.45 -18.27
N ASN A 68 -25.90 16.37 -17.49
CA ASN A 68 -25.34 16.01 -16.20
C ASN A 68 -26.14 16.47 -14.96
N LYS A 69 -27.36 16.95 -15.16
CA LYS A 69 -28.22 17.42 -14.08
C LYS A 69 -28.27 16.49 -12.87
N GLU A 70 -28.15 15.19 -13.09
CA GLU A 70 -28.20 14.23 -11.99
C GLU A 70 -26.86 13.71 -11.53
N SER A 71 -25.79 14.06 -12.24
CA SER A 71 -24.47 13.61 -11.85
C SER A 71 -24.07 14.23 -10.53
N PRO A 72 -23.52 13.43 -9.62
CA PRO A 72 -23.11 13.98 -8.32
C PRO A 72 -22.05 15.08 -8.47
N VAL A 73 -21.36 15.08 -9.61
CA VAL A 73 -20.33 16.10 -9.85
C VAL A 73 -20.94 17.43 -10.26
N PHE A 74 -22.26 17.47 -10.46
CA PHE A 74 -22.92 18.72 -10.83
C PHE A 74 -24.31 19.00 -10.21
N ALA A 75 -25.07 17.95 -9.88
CA ALA A 75 -26.43 18.11 -9.33
C ALA A 75 -26.62 19.25 -8.34
N PRO A 76 -25.73 19.41 -7.35
CA PRO A 76 -25.85 20.48 -6.35
C PRO A 76 -25.98 21.89 -6.93
N VAL A 77 -25.35 22.15 -8.07
CA VAL A 77 -25.42 23.48 -8.67
C VAL A 77 -26.39 23.56 -9.85
N TYR A 78 -27.31 22.60 -9.92
CA TYR A 78 -28.31 22.59 -10.98
C TYR A 78 -29.47 23.50 -10.56
N PHE A 79 -29.55 24.68 -11.16
CA PHE A 79 -30.63 25.64 -10.88
C PHE A 79 -31.23 26.07 -12.21
N PRO A 80 -31.95 25.15 -12.85
CA PRO A 80 -32.59 25.40 -14.15
C PRO A 80 -33.47 26.64 -14.22
N GLU A 81 -34.42 26.76 -13.30
CA GLU A 81 -35.34 27.90 -13.28
C GLU A 81 -34.68 29.24 -12.96
N GLU A 82 -33.83 29.27 -11.94
CA GLU A 82 -33.18 30.51 -11.55
C GLU A 82 -32.19 31.03 -12.59
N LEU A 83 -31.55 30.12 -13.31
CA LEU A 83 -30.51 30.51 -14.23
C LEU A 83 -30.63 30.36 -15.74
N HIS A 84 -31.48 29.48 -16.26
CA HIS A 84 -31.52 29.32 -17.70
C HIS A 84 -31.50 30.68 -18.45
N ARG A 85 -30.74 30.72 -19.55
CA ARG A 85 -30.60 31.94 -20.33
C ARG A 85 -30.89 31.81 -21.83
N LYS A 86 -31.06 30.58 -22.33
CA LYS A 86 -31.31 30.37 -23.75
C LYS A 86 -32.56 31.12 -24.23
N ALA A 87 -33.65 30.95 -23.51
CA ALA A 87 -34.91 31.59 -23.82
C ALA A 87 -34.74 33.13 -23.93
N ALA A 88 -34.14 33.75 -22.92
CA ALA A 88 -33.93 35.18 -22.92
C ALA A 88 -33.11 35.61 -24.14
N LEU A 89 -32.07 34.84 -24.44
CA LEU A 89 -31.22 35.15 -25.58
C LEU A 89 -31.99 34.99 -26.89
N GLU A 90 -32.94 34.06 -26.94
CA GLU A 90 -33.72 33.88 -28.15
C GLU A 90 -34.58 35.12 -28.39
N GLN A 91 -35.18 35.63 -27.32
CA GLN A 91 -36.02 36.81 -27.37
C GLN A 91 -35.24 38.04 -27.87
N ASP A 92 -34.02 38.20 -27.33
CA ASP A 92 -33.15 39.33 -27.70
C ASP A 92 -32.69 39.24 -29.15
N LEU A 93 -32.26 38.05 -29.55
CA LEU A 93 -31.79 37.81 -30.91
C LEU A 93 -32.92 38.06 -31.94
N ALA A 94 -34.15 37.83 -31.52
CA ALA A 94 -35.29 38.06 -32.40
C ALA A 94 -35.36 39.56 -32.67
N PHE A 95 -35.05 40.33 -31.63
CA PHE A 95 -35.06 41.79 -31.73
C PHE A 95 -33.86 42.33 -32.52
N TRP A 96 -32.65 41.90 -32.16
CA TRP A 96 -31.44 42.38 -32.84
C TRP A 96 -31.24 41.89 -34.26
N TYR A 97 -31.79 40.72 -34.60
CA TYR A 97 -31.62 40.18 -35.94
C TYR A 97 -32.91 39.95 -36.72
N GLY A 98 -34.05 40.31 -36.15
CA GLY A 98 -35.30 40.09 -36.85
C GLY A 98 -35.85 38.69 -36.68
N PRO A 99 -37.07 38.42 -37.18
CA PRO A 99 -37.69 37.10 -37.06
C PRO A 99 -36.89 35.93 -37.61
N ARG A 100 -35.98 36.18 -38.55
CA ARG A 100 -35.19 35.10 -39.11
C ARG A 100 -33.78 35.07 -38.56
N TRP A 101 -33.63 35.51 -37.31
CA TRP A 101 -32.34 35.55 -36.67
C TRP A 101 -31.54 34.27 -36.82
N GLN A 102 -32.14 33.13 -36.52
CA GLN A 102 -31.45 31.85 -36.59
C GLN A 102 -30.73 31.57 -37.91
N GLU A 103 -31.20 32.16 -39.01
CA GLU A 103 -30.56 31.95 -40.31
C GLU A 103 -29.52 33.03 -40.62
N VAL A 104 -29.49 34.11 -39.83
CA VAL A 104 -28.56 35.19 -40.12
C VAL A 104 -27.50 35.50 -39.04
N ILE A 105 -27.62 34.94 -37.84
CA ILE A 105 -26.63 35.22 -36.80
C ILE A 105 -25.26 34.59 -37.13
N PRO A 106 -24.18 35.28 -36.76
CA PRO A 106 -22.85 34.73 -37.02
C PRO A 106 -22.44 33.61 -36.08
N TYR A 107 -21.59 32.72 -36.57
CA TYR A 107 -21.03 31.60 -35.81
C TYR A 107 -19.56 31.45 -36.18
N THR A 108 -18.73 32.32 -35.61
CA THR A 108 -17.30 32.37 -35.89
C THR A 108 -16.44 31.29 -35.23
N PRO A 109 -15.17 31.18 -35.67
CA PRO A 109 -14.22 30.20 -35.14
C PRO A 109 -14.02 30.29 -33.63
N ALA A 110 -13.96 31.50 -33.10
CA ALA A 110 -13.79 31.70 -31.66
C ALA A 110 -15.03 31.22 -30.91
N MET A 111 -16.20 31.40 -31.53
CA MET A 111 -17.45 30.94 -30.92
C MET A 111 -17.44 29.42 -30.98
N GLN A 112 -17.02 28.87 -32.12
CA GLN A 112 -16.99 27.42 -32.31
C GLN A 112 -16.03 26.73 -31.36
N ARG A 113 -14.94 27.40 -31.00
CA ARG A 113 -13.97 26.80 -30.10
C ARG A 113 -14.46 26.78 -28.65
N TYR A 114 -15.21 27.80 -28.27
CA TYR A 114 -15.73 27.89 -26.92
C TYR A 114 -16.78 26.78 -26.76
N VAL A 115 -17.58 26.59 -27.80
CA VAL A 115 -18.62 25.57 -27.84
C VAL A 115 -18.02 24.16 -27.83
N LYS A 116 -16.95 24.00 -28.59
CA LYS A 116 -16.26 22.72 -28.66
C LYS A 116 -15.81 22.27 -27.27
N ARG A 117 -15.11 23.15 -26.55
CA ARG A 117 -14.62 22.80 -25.20
C ARG A 117 -15.78 22.47 -24.26
N LEU A 118 -16.83 23.28 -24.34
CA LEU A 118 -18.02 23.11 -23.54
C LEU A 118 -18.57 21.69 -23.70
N HIS A 119 -18.63 21.20 -24.93
CA HIS A 119 -19.13 19.87 -25.18
C HIS A 119 -18.13 18.82 -24.71
N GLU A 120 -16.85 19.12 -24.86
CA GLU A 120 -15.83 18.18 -24.39
C GLU A 120 -16.02 17.97 -22.88
N VAL A 121 -16.19 19.07 -22.15
CA VAL A 121 -16.36 19.01 -20.70
C VAL A 121 -17.60 18.22 -20.33
N GLY A 122 -18.73 18.59 -20.91
CA GLY A 122 -19.99 17.93 -20.63
C GLY A 122 -19.99 16.43 -20.90
N ARG A 123 -19.30 16.02 -21.95
CA ARG A 123 -19.26 14.60 -22.33
C ARG A 123 -18.14 13.74 -21.77
N THR A 124 -16.95 14.31 -21.59
CA THR A 124 -15.83 13.51 -21.11
C THR A 124 -15.16 14.00 -19.83
N GLU A 125 -15.47 15.22 -19.39
CA GLU A 125 -14.88 15.75 -18.16
C GLU A 125 -15.96 16.44 -17.32
N PRO A 126 -17.03 15.70 -16.99
CA PRO A 126 -18.13 16.27 -16.19
C PRO A 126 -17.69 17.02 -14.95
N GLU A 127 -16.77 16.45 -14.17
CA GLU A 127 -16.29 17.08 -12.92
C GLU A 127 -15.87 18.54 -13.06
N LEU A 128 -15.66 18.99 -14.30
CA LEU A 128 -15.22 20.37 -14.52
C LEU A 128 -16.32 21.30 -15.00
N LEU A 129 -17.49 20.76 -15.32
CA LEU A 129 -18.58 21.60 -15.79
C LEU A 129 -18.92 22.77 -14.84
N VAL A 130 -18.79 22.56 -13.53
CA VAL A 130 -19.08 23.64 -12.59
C VAL A 130 -18.18 24.83 -12.88
N ALA A 131 -16.97 24.57 -13.37
CA ALA A 131 -16.04 25.64 -13.66
C ALA A 131 -16.62 26.59 -14.72
N HIS A 132 -17.26 26.02 -15.73
CA HIS A 132 -17.85 26.85 -16.78
C HIS A 132 -19.18 27.47 -16.35
N ALA A 133 -19.93 26.74 -15.54
CA ALA A 133 -21.21 27.21 -15.02
C ALA A 133 -20.93 28.42 -14.12
N TYR A 134 -19.90 28.28 -13.30
CA TYR A 134 -19.47 29.31 -12.38
C TYR A 134 -19.06 30.58 -13.14
N THR A 135 -18.13 30.40 -14.06
CA THR A 135 -17.59 31.48 -14.87
C THR A 135 -18.69 32.30 -15.54
N ARG A 136 -19.63 31.60 -16.19
CA ARG A 136 -20.72 32.23 -16.88
C ARG A 136 -21.81 32.82 -15.98
N TYR A 137 -22.56 31.94 -15.28
CA TYR A 137 -23.65 32.41 -14.42
C TYR A 137 -23.28 33.42 -13.34
N LEU A 138 -22.34 33.08 -12.46
CA LEU A 138 -21.97 34.03 -11.42
C LEU A 138 -21.28 35.25 -12.00
N GLY A 139 -20.70 35.09 -13.18
CA GLY A 139 -20.03 36.21 -13.83
C GLY A 139 -21.06 37.14 -14.45
N ASP A 140 -22.03 36.58 -15.17
CA ASP A 140 -23.05 37.40 -15.82
C ASP A 140 -24.04 38.00 -14.83
N LEU A 141 -24.19 37.35 -13.67
CA LEU A 141 -25.10 37.86 -12.66
C LEU A 141 -24.53 39.17 -12.11
N SER A 142 -23.22 39.21 -11.95
CA SER A 142 -22.52 40.39 -11.44
C SER A 142 -22.27 41.44 -12.52
N GLY A 143 -21.62 41.02 -13.61
CA GLY A 143 -21.32 41.92 -14.70
C GLY A 143 -22.50 42.45 -15.48
N GLY A 144 -23.50 41.60 -15.70
CA GLY A 144 -24.67 42.00 -16.44
C GLY A 144 -25.13 43.44 -16.24
N GLN A 145 -25.66 43.74 -15.06
CA GLN A 145 -26.14 45.09 -14.76
C GLN A 145 -25.15 46.20 -15.16
N VAL A 146 -23.90 45.82 -15.37
CA VAL A 146 -22.88 46.79 -15.76
C VAL A 146 -22.96 47.10 -17.26
N LEU A 147 -22.86 46.05 -18.07
CA LEU A 147 -22.90 46.19 -19.52
C LEU A 147 -24.28 46.63 -20.01
N LYS A 148 -25.33 46.20 -19.32
CA LYS A 148 -26.68 46.58 -19.70
C LYS A 148 -26.81 48.09 -19.72
N LYS A 149 -26.46 48.71 -18.60
CA LYS A 149 -26.53 50.16 -18.49
C LYS A 149 -25.72 50.79 -19.62
N ILE A 150 -24.42 50.49 -19.66
CA ILE A 150 -23.52 51.03 -20.69
C ILE A 150 -24.13 50.98 -22.08
N ALA A 151 -24.60 49.80 -22.48
CA ALA A 151 -25.20 49.62 -23.80
C ALA A 151 -26.47 50.45 -23.92
N GLN A 152 -27.39 50.20 -23.00
CA GLN A 152 -28.68 50.89 -22.95
C GLN A 152 -28.62 52.29 -23.55
N LYS A 153 -27.61 53.06 -23.16
CA LYS A 153 -27.46 54.44 -23.65
C LYS A 153 -26.61 54.57 -24.92
N ALA A 154 -25.39 54.02 -24.88
CA ALA A 154 -24.48 54.07 -26.02
C ALA A 154 -25.05 53.49 -27.32
N LEU A 155 -26.19 52.82 -27.23
CA LEU A 155 -26.82 52.21 -28.40
C LEU A 155 -28.04 52.99 -28.88
N ASP A 156 -28.78 53.57 -27.94
CA ASP A 156 -29.96 54.37 -28.27
C ASP A 156 -31.11 53.51 -28.84
N LEU A 157 -31.18 52.25 -28.43
CA LEU A 157 -32.22 51.35 -28.93
C LEU A 157 -33.62 51.95 -28.79
N PRO A 158 -34.60 51.43 -29.55
CA PRO A 158 -35.97 51.92 -29.51
C PRO A 158 -36.75 51.48 -28.26
N SER A 159 -37.90 52.11 -28.03
CA SER A 159 -38.74 51.79 -26.88
C SER A 159 -39.58 50.55 -27.17
N SER A 160 -38.99 49.62 -27.93
CA SER A 160 -39.68 48.38 -28.29
C SER A 160 -39.80 47.46 -27.08
N GLY A 161 -39.14 47.82 -25.98
CA GLY A 161 -39.20 47.02 -24.77
C GLY A 161 -38.63 45.62 -24.91
N GLU A 162 -37.54 45.48 -25.65
CA GLU A 162 -36.93 44.16 -25.82
C GLU A 162 -35.50 44.26 -26.35
N GLY A 163 -34.76 43.16 -26.24
CA GLY A 163 -33.39 43.13 -26.73
C GLY A 163 -32.34 43.03 -25.64
N LEU A 164 -32.77 43.21 -24.40
CA LEU A 164 -31.88 43.16 -23.25
C LEU A 164 -32.34 42.22 -22.15
N ALA A 165 -33.21 41.26 -22.51
CA ALA A 165 -33.73 40.31 -21.54
C ALA A 165 -32.61 39.48 -20.91
N PHE A 166 -31.57 39.23 -21.69
CA PHE A 166 -30.45 38.44 -21.20
C PHE A 166 -29.88 38.93 -19.87
N PHE A 167 -29.86 40.25 -19.69
CA PHE A 167 -29.30 40.86 -18.49
C PHE A 167 -30.17 40.85 -17.23
N THR A 168 -31.33 40.21 -17.30
CA THR A 168 -32.20 40.13 -16.13
C THR A 168 -32.58 38.67 -15.88
N PHE A 169 -32.31 38.20 -14.66
CA PHE A 169 -32.65 36.85 -14.23
C PHE A 169 -33.91 37.04 -13.41
N PRO A 170 -35.09 36.92 -14.05
CA PRO A 170 -36.37 37.11 -13.36
C PRO A 170 -36.66 36.13 -12.23
N ASN A 171 -36.03 34.97 -12.25
CA ASN A 171 -36.29 33.99 -11.20
C ASN A 171 -35.34 34.07 -10.01
N ILE A 172 -34.68 35.20 -9.88
CA ILE A 172 -33.77 35.46 -8.78
C ILE A 172 -34.11 36.81 -8.14
N ALA A 173 -34.77 36.78 -6.98
CA ALA A 173 -35.16 37.99 -6.27
C ALA A 173 -33.94 38.79 -5.77
N SER A 174 -32.97 38.11 -5.18
CA SER A 174 -31.76 38.77 -4.69
C SER A 174 -30.50 38.09 -5.23
N ALA A 175 -29.75 38.83 -6.04
CA ALA A 175 -28.53 38.31 -6.62
C ALA A 175 -27.57 37.89 -5.50
N THR A 176 -27.54 38.67 -4.42
CA THR A 176 -26.66 38.39 -3.30
C THR A 176 -27.01 37.10 -2.58
N LYS A 177 -28.30 36.87 -2.35
CA LYS A 177 -28.72 35.64 -1.68
C LYS A 177 -28.48 34.43 -2.57
N PHE A 178 -28.82 34.55 -3.85
CA PHE A 178 -28.61 33.42 -4.75
C PHE A 178 -27.14 33.07 -4.87
N LYS A 179 -26.28 34.08 -4.96
CA LYS A 179 -24.85 33.84 -5.06
C LYS A 179 -24.40 33.06 -3.84
N GLN A 180 -24.81 33.54 -2.67
CA GLN A 180 -24.45 32.90 -1.40
C GLN A 180 -24.86 31.43 -1.45
N LEU A 181 -26.06 31.18 -1.94
CA LEU A 181 -26.57 29.82 -2.05
C LEU A 181 -25.78 29.02 -3.09
N TYR A 182 -25.48 29.66 -4.23
CA TYR A 182 -24.74 28.99 -5.31
C TYR A 182 -23.32 28.62 -4.87
N ARG A 183 -22.68 29.52 -4.14
CA ARG A 183 -21.34 29.27 -3.64
C ARG A 183 -21.41 28.13 -2.65
N SER A 184 -22.47 28.12 -1.85
CA SER A 184 -22.68 27.09 -0.84
C SER A 184 -22.77 25.74 -1.53
N ARG A 185 -23.59 25.66 -2.59
CA ARG A 185 -23.75 24.42 -3.34
C ARG A 185 -22.41 24.01 -3.97
N MET A 186 -21.69 24.99 -4.50
CA MET A 186 -20.37 24.74 -5.10
C MET A 186 -19.45 24.10 -4.06
N ASN A 187 -19.45 24.69 -2.86
CA ASN A 187 -18.60 24.23 -1.78
C ASN A 187 -19.01 22.88 -1.21
N SER A 188 -20.24 22.45 -1.51
CA SER A 188 -20.71 21.16 -1.02
C SER A 188 -20.29 20.03 -1.98
N LEU A 189 -19.75 20.42 -3.13
CA LEU A 189 -19.30 19.45 -4.13
C LEU A 189 -18.13 18.63 -3.59
N GLU A 190 -18.24 17.32 -3.74
CA GLU A 190 -17.20 16.41 -3.26
C GLU A 190 -16.19 16.16 -4.38
N MET A 191 -14.95 16.62 -4.19
CA MET A 191 -13.91 16.42 -5.20
C MET A 191 -12.51 16.28 -4.63
N THR A 192 -11.71 15.42 -5.25
CA THR A 192 -10.33 15.18 -4.82
C THR A 192 -9.47 16.39 -5.11
N PRO A 193 -8.24 16.43 -4.58
CA PRO A 193 -7.34 17.55 -4.80
C PRO A 193 -7.05 17.74 -6.30
N ALA A 194 -6.78 16.63 -6.98
CA ALA A 194 -6.49 16.66 -8.41
C ALA A 194 -7.65 17.28 -9.20
N VAL A 195 -8.86 16.83 -8.89
CA VAL A 195 -10.06 17.32 -9.55
C VAL A 195 -10.24 18.80 -9.24
N ARG A 196 -10.02 19.16 -7.98
CA ARG A 196 -10.19 20.55 -7.58
C ARG A 196 -9.25 21.47 -8.34
N GLN A 197 -8.01 21.02 -8.53
CA GLN A 197 -7.02 21.81 -9.25
C GLN A 197 -7.47 21.99 -10.70
N ARG A 198 -7.92 20.90 -11.32
CA ARG A 198 -8.37 20.98 -12.71
C ARG A 198 -9.59 21.89 -12.86
N VAL A 199 -10.46 21.90 -11.85
CA VAL A 199 -11.63 22.77 -11.86
C VAL A 199 -11.15 24.23 -11.90
N ILE A 200 -10.15 24.53 -11.08
CA ILE A 200 -9.61 25.87 -11.03
C ILE A 200 -8.94 26.22 -12.37
N GLU A 201 -8.18 25.27 -12.92
CA GLU A 201 -7.52 25.51 -14.19
C GLU A 201 -8.59 25.74 -15.28
N GLU A 202 -9.66 24.95 -15.23
CA GLU A 202 -10.73 25.05 -16.21
C GLU A 202 -11.43 26.42 -16.18
N ALA A 203 -11.45 27.03 -15.00
CA ALA A 203 -12.06 28.35 -14.85
C ALA A 203 -11.15 29.32 -15.59
N LYS A 204 -9.85 29.06 -15.53
CA LYS A 204 -8.86 29.90 -16.19
C LYS A 204 -9.03 29.75 -17.70
N THR A 205 -9.23 28.52 -18.13
CA THR A 205 -9.44 28.22 -19.53
C THR A 205 -10.70 28.93 -20.02
N ALA A 206 -11.77 28.90 -19.22
CA ALA A 206 -13.01 29.56 -19.61
C ALA A 206 -12.72 31.04 -19.88
N PHE A 207 -11.93 31.64 -18.99
CA PHE A 207 -11.58 33.03 -19.19
C PHE A 207 -10.82 33.21 -20.51
N LEU A 208 -9.83 32.36 -20.76
CA LEU A 208 -9.06 32.48 -21.98
C LEU A 208 -9.95 32.38 -23.21
N LEU A 209 -10.94 31.50 -23.15
CA LEU A 209 -11.85 31.34 -24.28
C LEU A 209 -12.63 32.62 -24.56
N ASN A 210 -12.97 33.34 -23.49
CA ASN A 210 -13.69 34.59 -23.62
C ASN A 210 -12.75 35.68 -24.12
N ILE A 211 -11.51 35.66 -23.65
CA ILE A 211 -10.54 36.66 -24.08
C ILE A 211 -10.27 36.56 -25.58
N GLN A 212 -10.00 35.36 -26.09
CA GLN A 212 -9.74 35.22 -27.52
C GLN A 212 -11.01 35.44 -28.35
N LEU A 213 -12.17 35.23 -27.76
CA LEU A 213 -13.41 35.48 -28.48
C LEU A 213 -13.49 37.00 -28.69
N PHE A 214 -13.17 37.76 -27.65
CA PHE A 214 -13.19 39.22 -27.72
C PHE A 214 -12.15 39.72 -28.72
N GLU A 215 -11.00 39.08 -28.73
CA GLU A 215 -9.96 39.47 -29.65
C GLU A 215 -10.46 39.30 -31.08
N GLU A 216 -11.06 38.14 -31.35
CA GLU A 216 -11.59 37.85 -32.68
C GLU A 216 -12.70 38.81 -33.06
N LEU A 217 -13.56 39.19 -32.11
CA LEU A 217 -14.65 40.10 -32.40
C LEU A 217 -14.13 41.51 -32.69
N GLN A 218 -12.92 41.79 -32.21
CA GLN A 218 -12.30 43.10 -32.40
C GLN A 218 -11.73 43.22 -33.81
N GLU A 219 -11.11 42.14 -34.29
CA GLU A 219 -10.55 42.17 -35.63
C GLU A 219 -11.67 42.16 -36.67
N LEU A 220 -12.81 41.59 -36.30
CA LEU A 220 -13.96 41.56 -37.20
C LEU A 220 -14.54 42.96 -37.34
N LEU A 221 -14.90 43.57 -36.22
CA LEU A 221 -15.48 44.91 -36.22
C LEU A 221 -14.62 45.92 -36.98
N THR A 222 -13.34 45.62 -37.14
CA THR A 222 -12.45 46.53 -37.84
C THR A 222 -11.92 45.93 -39.14
N HIS A 223 -12.43 46.43 -40.26
CA HIS A 223 -12.00 45.96 -41.57
C HIS A 223 -12.35 46.98 -42.65
N PRO B 10 37.75 -24.22 32.90
CA PRO B 10 39.15 -23.99 32.47
C PRO B 10 39.31 -22.68 31.72
N GLN B 11 40.39 -22.58 30.95
CA GLN B 11 40.70 -21.39 30.18
C GLN B 11 39.74 -21.23 29.01
N ASP B 12 39.91 -22.08 27.99
CA ASP B 12 39.07 -22.04 26.80
C ASP B 12 37.63 -22.44 27.07
N LEU B 13 36.73 -21.89 26.26
CA LEU B 13 35.31 -22.18 26.38
C LEU B 13 35.02 -23.66 26.21
N SER B 14 35.63 -24.28 25.20
CA SER B 14 35.41 -25.70 24.95
C SER B 14 35.84 -26.55 26.15
N GLU B 15 37.00 -26.26 26.71
CA GLU B 15 37.46 -27.02 27.88
C GLU B 15 36.55 -26.76 29.08
N ALA B 16 36.05 -25.54 29.19
CA ALA B 16 35.16 -25.18 30.29
C ALA B 16 33.81 -25.87 30.18
N LEU B 17 33.53 -26.42 29.00
CA LEU B 17 32.29 -27.11 28.74
C LEU B 17 32.46 -28.61 28.93
N LYS B 18 33.57 -29.14 28.42
CA LYS B 18 33.90 -30.55 28.53
C LYS B 18 34.15 -30.94 29.99
N GLU B 19 34.02 -29.97 30.89
CA GLU B 19 34.25 -30.19 32.31
C GLU B 19 33.01 -29.90 33.16
N ALA B 20 32.31 -28.82 32.82
CA ALA B 20 31.11 -28.46 33.55
C ALA B 20 29.96 -29.38 33.16
N THR B 21 30.21 -30.27 32.19
CA THR B 21 29.18 -31.20 31.75
C THR B 21 29.62 -32.64 31.95
N LYS B 22 30.92 -32.83 32.18
CA LYS B 22 31.46 -34.17 32.41
C LYS B 22 30.65 -34.78 33.55
N GLU B 23 30.04 -33.90 34.34
CA GLU B 23 29.23 -34.30 35.47
C GLU B 23 27.92 -34.93 35.00
N VAL B 24 27.03 -34.10 34.46
CA VAL B 24 25.73 -34.54 33.97
C VAL B 24 25.80 -35.54 32.82
N HIS B 25 26.94 -35.57 32.11
CA HIS B 25 27.09 -36.49 31.00
C HIS B 25 27.00 -37.93 31.48
N THR B 26 27.78 -38.25 32.51
CA THR B 26 27.79 -39.59 33.08
C THR B 26 26.39 -39.98 33.54
N GLN B 27 25.63 -39.00 34.01
CA GLN B 27 24.27 -39.27 34.47
C GLN B 27 23.35 -39.56 33.30
N ALA B 28 23.67 -38.97 32.15
CA ALA B 28 22.86 -39.17 30.96
C ALA B 28 23.18 -40.51 30.31
N GLU B 29 24.46 -40.87 30.28
CA GLU B 29 24.88 -42.13 29.69
C GLU B 29 24.57 -43.31 30.60
N ASN B 30 24.19 -43.01 31.84
CA ASN B 30 23.84 -44.07 32.79
C ASN B 30 22.33 -44.20 32.90
N ALA B 31 21.61 -43.27 32.29
CA ALA B 31 20.16 -43.28 32.31
C ALA B 31 19.70 -44.69 31.98
N GLU B 32 18.75 -45.20 32.76
CA GLU B 32 18.23 -46.56 32.57
C GLU B 32 17.95 -46.85 31.10
N PHE B 33 17.25 -45.94 30.42
CA PHE B 33 16.90 -46.11 29.02
C PHE B 33 18.15 -46.38 28.18
N MET B 34 19.18 -45.58 28.38
CA MET B 34 20.43 -45.74 27.65
C MET B 34 21.22 -46.93 28.14
N ARG B 35 21.20 -47.19 29.45
CA ARG B 35 21.93 -48.33 29.98
C ARG B 35 21.39 -49.60 29.34
N ASN B 36 20.11 -49.59 29.00
CA ASN B 36 19.48 -50.75 28.35
C ASN B 36 19.81 -50.73 26.87
N PHE B 37 19.68 -49.54 26.27
CA PHE B 37 19.96 -49.37 24.84
C PHE B 37 21.39 -49.80 24.50
N GLN B 38 22.37 -49.17 25.15
CA GLN B 38 23.77 -49.47 24.91
C GLN B 38 24.10 -50.94 25.11
N LYS B 39 23.43 -51.56 26.09
CA LYS B 39 23.65 -52.97 26.37
C LYS B 39 23.02 -53.81 25.27
N GLY B 40 22.13 -53.19 24.50
CA GLY B 40 21.46 -53.89 23.41
C GLY B 40 20.12 -54.46 23.83
N GLN B 41 19.32 -53.68 24.55
CA GLN B 41 18.00 -54.12 25.00
C GLN B 41 16.93 -53.16 24.50
N VAL B 42 17.25 -52.42 23.43
CA VAL B 42 16.32 -51.46 22.86
C VAL B 42 15.42 -52.13 21.82
N THR B 43 14.27 -51.53 21.57
CA THR B 43 13.32 -52.08 20.62
C THR B 43 12.95 -51.08 19.52
N ARG B 44 12.19 -51.55 18.55
CA ARG B 44 11.75 -50.71 17.44
C ARG B 44 10.98 -49.51 17.99
N ASP B 45 10.03 -49.78 18.89
CA ASP B 45 9.23 -48.75 19.50
C ASP B 45 10.08 -47.73 20.25
N GLY B 46 11.10 -48.23 20.93
CA GLY B 46 11.99 -47.36 21.68
C GLY B 46 12.95 -46.57 20.80
N PHE B 47 13.38 -47.17 19.69
CA PHE B 47 14.29 -46.49 18.79
C PHE B 47 13.54 -45.40 18.04
N LYS B 48 12.29 -45.70 17.68
CA LYS B 48 11.44 -44.74 16.97
C LYS B 48 11.23 -43.47 17.77
N LEU B 49 10.96 -43.65 19.07
CA LEU B 49 10.73 -42.54 19.99
C LEU B 49 11.92 -41.60 20.09
N VAL B 50 13.14 -42.12 19.94
CA VAL B 50 14.30 -41.26 20.01
C VAL B 50 14.48 -40.53 18.68
N MET B 51 14.13 -41.20 17.58
CA MET B 51 14.25 -40.58 16.26
C MET B 51 13.20 -39.47 16.13
N ALA B 52 12.08 -39.63 16.82
CA ALA B 52 11.03 -38.62 16.79
C ALA B 52 11.47 -37.43 17.65
N SER B 53 12.10 -37.74 18.79
CA SER B 53 12.59 -36.71 19.68
C SER B 53 13.61 -35.87 18.92
N LEU B 54 14.59 -36.55 18.35
CA LEU B 54 15.67 -35.90 17.61
C LEU B 54 15.14 -34.97 16.53
N TYR B 55 14.12 -35.40 15.81
CA TYR B 55 13.53 -34.59 14.77
C TYR B 55 12.98 -33.26 15.33
N HIS B 56 12.15 -33.36 16.38
CA HIS B 56 11.58 -32.18 16.98
C HIS B 56 12.69 -31.26 17.49
N ILE B 57 13.68 -31.86 18.16
CA ILE B 57 14.81 -31.10 18.71
C ILE B 57 15.64 -30.40 17.63
N TYR B 58 16.02 -31.11 16.58
CA TYR B 58 16.81 -30.50 15.52
C TYR B 58 16.03 -29.50 14.68
N VAL B 59 14.72 -29.70 14.58
CA VAL B 59 13.89 -28.77 13.82
C VAL B 59 13.90 -27.42 14.54
N ALA B 60 13.67 -27.46 15.85
CA ALA B 60 13.65 -26.25 16.66
C ALA B 60 15.02 -25.56 16.65
N LEU B 61 16.06 -26.33 16.95
CA LEU B 61 17.43 -25.83 16.97
C LEU B 61 17.89 -25.22 15.64
N GLU B 62 17.62 -25.93 14.55
CA GLU B 62 18.06 -25.45 13.25
C GLU B 62 17.32 -24.21 12.78
N GLU B 63 16.06 -24.09 13.17
CA GLU B 63 15.25 -22.93 12.82
C GLU B 63 15.84 -21.72 13.52
N GLU B 64 16.28 -21.93 14.76
CA GLU B 64 16.86 -20.85 15.54
C GLU B 64 18.29 -20.52 15.10
N ILE B 65 18.97 -21.50 14.51
CA ILE B 65 20.32 -21.26 14.02
C ILE B 65 20.20 -20.36 12.79
N GLU B 66 19.24 -20.66 11.91
CA GLU B 66 19.03 -19.85 10.71
C GLU B 66 18.63 -18.42 11.05
N ARG B 67 17.91 -18.25 12.15
CA ARG B 67 17.47 -16.93 12.58
C ARG B 67 18.65 -16.08 13.04
N ASN B 68 19.61 -16.70 13.72
CA ASN B 68 20.76 -15.95 14.24
C ASN B 68 22.10 -16.24 13.54
N LYS B 69 22.06 -16.77 12.33
CA LYS B 69 23.28 -17.10 11.60
C LYS B 69 24.22 -15.94 11.32
N GLU B 70 23.67 -14.73 11.14
CA GLU B 70 24.51 -13.56 10.86
C GLU B 70 24.91 -12.79 12.10
N SER B 71 24.43 -13.21 13.27
CA SER B 71 24.76 -12.53 14.51
C SER B 71 26.14 -12.88 15.03
N PRO B 72 26.84 -11.88 15.60
CA PRO B 72 28.20 -12.05 16.16
C PRO B 72 28.29 -13.20 17.17
N VAL B 73 27.18 -13.48 17.87
CA VAL B 73 27.18 -14.54 18.87
C VAL B 73 27.05 -15.96 18.34
N PHE B 74 26.79 -16.13 17.05
CA PHE B 74 26.68 -17.48 16.50
C PHE B 74 27.37 -17.66 15.16
N ALA B 75 27.51 -16.58 14.40
CA ALA B 75 28.15 -16.64 13.08
C ALA B 75 29.37 -17.56 13.01
N PRO B 76 30.29 -17.46 13.98
CA PRO B 76 31.49 -18.30 14.00
C PRO B 76 31.25 -19.82 14.02
N VAL B 77 30.19 -20.30 14.67
CA VAL B 77 29.94 -21.73 14.66
C VAL B 77 28.84 -22.11 13.67
N TYR B 78 28.59 -21.21 12.71
CA TYR B 78 27.57 -21.48 11.71
C TYR B 78 28.15 -22.40 10.64
N PHE B 79 27.76 -23.67 10.69
CA PHE B 79 28.24 -24.67 9.73
C PHE B 79 27.05 -25.40 9.12
N PRO B 80 26.22 -24.70 8.34
CA PRO B 80 25.05 -25.32 7.71
C PRO B 80 25.27 -26.62 6.93
N GLU B 81 26.13 -26.59 5.92
CA GLU B 81 26.37 -27.79 5.10
C GLU B 81 26.96 -29.00 5.84
N GLU B 82 27.97 -28.75 6.66
CA GLU B 82 28.61 -29.82 7.39
C GLU B 82 27.73 -30.48 8.43
N LEU B 83 26.85 -29.71 9.04
CA LEU B 83 26.04 -30.22 10.12
C LEU B 83 24.53 -30.41 10.02
N HIS B 84 23.82 -29.68 9.16
CA HIS B 84 22.35 -29.83 9.11
C HIS B 84 21.84 -31.27 9.22
N ARG B 85 20.87 -31.46 10.11
CA ARG B 85 20.30 -32.78 10.35
C ARG B 85 18.80 -32.95 10.05
N LYS B 86 18.06 -31.86 10.02
CA LYS B 86 16.61 -31.93 9.78
C LYS B 86 16.22 -32.82 8.60
N ALA B 87 16.86 -32.59 7.46
CA ALA B 87 16.59 -33.36 6.24
C ALA B 87 16.84 -34.86 6.45
N ALA B 88 17.97 -35.20 7.08
CA ALA B 88 18.31 -36.58 7.35
C ALA B 88 17.25 -37.23 8.24
N LEU B 89 16.75 -36.46 9.20
CA LEU B 89 15.73 -36.97 10.12
C LEU B 89 14.36 -37.12 9.45
N GLU B 90 14.07 -36.28 8.46
CA GLU B 90 12.82 -36.37 7.73
C GLU B 90 12.88 -37.69 6.94
N GLN B 91 14.02 -37.93 6.30
CA GLN B 91 14.20 -39.16 5.53
C GLN B 91 13.92 -40.36 6.44
N ASP B 92 14.56 -40.37 7.61
CA ASP B 92 14.40 -41.46 8.55
C ASP B 92 13.01 -41.66 9.12
N LEU B 93 12.33 -40.58 9.48
CA LEU B 93 10.99 -40.70 10.03
C LEU B 93 10.05 -41.25 8.99
N ALA B 94 10.27 -40.89 7.73
CA ALA B 94 9.45 -41.37 6.62
C ALA B 94 9.55 -42.89 6.58
N PHE B 95 10.72 -43.42 6.95
CA PHE B 95 10.92 -44.86 6.96
C PHE B 95 10.31 -45.50 8.20
N TRP B 96 10.52 -44.89 9.36
CA TRP B 96 9.99 -45.48 10.59
C TRP B 96 8.49 -45.36 10.77
N TYR B 97 7.92 -44.24 10.31
CA TYR B 97 6.49 -44.02 10.47
C TYR B 97 5.70 -43.93 9.18
N GLY B 98 6.32 -44.22 8.05
CA GLY B 98 5.60 -44.15 6.79
C GLY B 98 5.45 -42.76 6.19
N PRO B 99 4.94 -42.67 4.95
CA PRO B 99 4.71 -41.42 4.20
C PRO B 99 4.00 -40.34 4.99
N ARG B 100 3.12 -40.77 5.91
CA ARG B 100 2.37 -39.83 6.72
C ARG B 100 2.94 -39.71 8.14
N TRP B 101 4.25 -39.84 8.28
CA TRP B 101 4.91 -39.73 9.57
C TRP B 101 4.54 -38.42 10.28
N GLN B 102 4.55 -37.32 9.52
CA GLN B 102 4.23 -36.00 10.04
C GLN B 102 2.99 -35.95 10.91
N GLU B 103 1.93 -36.61 10.46
CA GLU B 103 0.67 -36.65 11.18
C GLU B 103 0.62 -37.62 12.34
N VAL B 104 1.47 -38.65 12.31
CA VAL B 104 1.44 -39.69 13.34
C VAL B 104 2.55 -39.72 14.42
N ILE B 105 3.68 -39.05 14.20
CA ILE B 105 4.75 -39.10 15.20
C ILE B 105 4.38 -38.46 16.53
N PRO B 106 4.92 -39.01 17.62
CA PRO B 106 4.64 -38.48 18.96
C PRO B 106 5.37 -37.17 19.24
N TYR B 107 4.74 -36.32 20.05
CA TYR B 107 5.31 -35.05 20.47
C TYR B 107 4.92 -34.96 21.94
N THR B 108 5.74 -35.58 22.77
CA THR B 108 5.52 -35.68 24.20
C THR B 108 5.98 -34.47 25.02
N PRO B 109 5.56 -34.38 26.29
CA PRO B 109 5.92 -33.28 27.19
C PRO B 109 7.43 -33.02 27.32
N ALA B 110 8.21 -34.09 27.34
CA ALA B 110 9.65 -33.96 27.44
C ALA B 110 10.19 -33.34 26.15
N MET B 111 9.52 -33.66 25.06
CA MET B 111 9.89 -33.15 23.75
C MET B 111 9.50 -31.67 23.64
N GLN B 112 8.26 -31.36 24.01
CA GLN B 112 7.74 -30.00 23.95
C GLN B 112 8.51 -29.04 24.85
N ARG B 113 9.08 -29.58 25.92
CA ARG B 113 9.87 -28.78 26.87
C ARG B 113 11.18 -28.37 26.23
N TYR B 114 11.84 -29.36 25.61
CA TYR B 114 13.12 -29.16 24.94
C TYR B 114 12.94 -28.13 23.83
N VAL B 115 11.92 -28.34 23.00
CA VAL B 115 11.62 -27.45 21.90
C VAL B 115 11.37 -26.03 22.41
N LYS B 116 10.40 -25.90 23.30
CA LYS B 116 10.04 -24.61 23.89
C LYS B 116 11.30 -23.85 24.34
N ARG B 117 12.22 -24.57 24.97
CA ARG B 117 13.45 -23.97 25.45
C ARG B 117 14.37 -23.53 24.29
N LEU B 118 14.48 -24.37 23.27
CA LEU B 118 15.33 -24.02 22.12
C LEU B 118 14.86 -22.68 21.55
N HIS B 119 13.54 -22.50 21.50
CA HIS B 119 12.95 -21.29 20.97
C HIS B 119 13.12 -20.06 21.85
N GLU B 120 13.09 -20.23 23.17
CA GLU B 120 13.25 -19.11 24.07
C GLU B 120 14.66 -18.53 23.84
N VAL B 121 15.64 -19.42 23.85
CA VAL B 121 17.03 -19.04 23.64
C VAL B 121 17.21 -18.35 22.29
N GLY B 122 16.87 -19.07 21.23
CA GLY B 122 17.01 -18.53 19.90
C GLY B 122 16.33 -17.18 19.70
N ARG B 123 15.17 -17.03 20.32
CA ARG B 123 14.40 -15.79 20.19
C ARG B 123 14.82 -14.61 21.05
N THR B 124 15.17 -14.85 22.31
CA THR B 124 15.53 -13.73 23.18
C THR B 124 16.92 -13.77 23.83
N GLU B 125 17.54 -14.94 23.88
CA GLU B 125 18.88 -15.06 24.46
C GLU B 125 19.80 -15.85 23.52
N PRO B 126 19.94 -15.37 22.27
CA PRO B 126 20.77 -16.00 21.24
C PRO B 126 22.22 -16.29 21.62
N GLU B 127 22.76 -15.52 22.55
CA GLU B 127 24.14 -15.77 22.99
C GLU B 127 24.26 -17.17 23.61
N LEU B 128 23.13 -17.80 23.91
CA LEU B 128 23.15 -19.12 24.53
C LEU B 128 22.96 -20.28 23.54
N LEU B 129 22.53 -19.96 22.32
CA LEU B 129 22.31 -20.99 21.31
C LEU B 129 23.54 -21.89 21.15
N VAL B 130 24.71 -21.30 21.31
CA VAL B 130 25.98 -22.01 21.20
C VAL B 130 26.00 -23.25 22.09
N ALA B 131 25.45 -23.11 23.29
CA ALA B 131 25.43 -24.20 24.25
C ALA B 131 24.65 -25.37 23.72
N HIS B 132 23.48 -25.08 23.15
CA HIS B 132 22.64 -26.13 22.60
C HIS B 132 23.25 -26.75 21.35
N ALA B 133 23.74 -25.91 20.44
CA ALA B 133 24.35 -26.43 19.21
C ALA B 133 25.51 -27.34 19.60
N TYR B 134 26.29 -26.89 20.56
CA TYR B 134 27.44 -27.65 21.07
C TYR B 134 27.01 -29.01 21.64
N THR B 135 26.05 -28.99 22.55
CA THR B 135 25.57 -30.22 23.17
C THR B 135 25.09 -31.27 22.16
N ARG B 136 24.20 -30.85 21.26
CA ARG B 136 23.64 -31.71 20.23
C ARG B 136 24.64 -32.15 19.15
N TYR B 137 25.19 -31.19 18.40
CA TYR B 137 26.12 -31.50 17.32
C TYR B 137 27.42 -32.21 17.67
N LEU B 138 28.23 -31.65 18.57
CA LEU B 138 29.48 -32.33 18.92
C LEU B 138 29.14 -33.63 19.65
N GLY B 139 28.04 -33.61 20.39
CA GLY B 139 27.63 -34.81 21.09
C GLY B 139 27.31 -35.93 20.12
N ASP B 140 26.34 -35.70 19.24
CA ASP B 140 25.96 -36.72 18.27
C ASP B 140 27.10 -37.07 17.31
N LEU B 141 28.01 -36.12 17.11
CA LEU B 141 29.16 -36.34 16.24
C LEU B 141 30.15 -37.30 16.90
N SER B 142 30.06 -37.44 18.22
CA SER B 142 30.96 -38.30 18.98
C SER B 142 30.39 -39.67 19.27
N GLY B 143 29.10 -39.75 19.57
CA GLY B 143 28.48 -41.02 19.89
C GLY B 143 27.56 -41.56 18.81
N GLY B 144 27.72 -41.07 17.58
CA GLY B 144 26.88 -41.52 16.49
C GLY B 144 27.14 -42.97 16.15
N GLN B 145 28.42 -43.33 16.01
CA GLN B 145 28.81 -44.70 15.70
C GLN B 145 28.25 -45.65 16.76
N VAL B 146 28.59 -45.39 18.00
CA VAL B 146 28.14 -46.20 19.13
C VAL B 146 26.68 -46.61 18.95
N LEU B 147 25.79 -45.63 19.00
CA LEU B 147 24.35 -45.89 18.86
C LEU B 147 24.00 -46.59 17.55
N LYS B 148 24.66 -46.20 16.46
CA LYS B 148 24.38 -46.80 15.16
C LYS B 148 24.64 -48.30 15.13
N LYS B 149 25.89 -48.69 15.38
CA LYS B 149 26.26 -50.10 15.37
C LYS B 149 25.39 -50.91 16.32
N ILE B 150 25.10 -50.36 17.50
CA ILE B 150 24.28 -51.06 18.47
C ILE B 150 22.90 -51.35 17.89
N ALA B 151 22.19 -50.29 17.50
CA ALA B 151 20.85 -50.43 16.94
C ALA B 151 20.78 -51.28 15.67
N GLN B 152 21.50 -50.87 14.63
CA GLN B 152 21.47 -51.59 13.35
C GLN B 152 21.69 -53.10 13.46
N LYS B 153 22.17 -53.55 14.62
CA LYS B 153 22.40 -54.98 14.85
C LYS B 153 21.35 -55.50 15.82
N ALA B 154 20.99 -54.67 16.80
CA ALA B 154 19.99 -55.03 17.80
C ALA B 154 18.56 -54.83 17.28
N LEU B 155 18.43 -54.59 15.98
CA LEU B 155 17.13 -54.38 15.36
C LEU B 155 16.95 -55.34 14.19
N ASP B 156 18.06 -55.79 13.62
CA ASP B 156 18.03 -56.71 12.49
C ASP B 156 17.11 -56.18 11.41
N LEU B 157 17.12 -54.87 11.23
CA LEU B 157 16.29 -54.23 10.21
C LEU B 157 16.63 -54.79 8.83
N PRO B 158 15.82 -54.45 7.81
CA PRO B 158 16.06 -54.93 6.46
C PRO B 158 17.09 -54.10 5.70
N SER B 159 17.50 -54.61 4.54
CA SER B 159 18.46 -53.90 3.70
C SER B 159 17.68 -52.86 2.92
N SER B 160 16.77 -52.18 3.63
CA SER B 160 15.93 -51.13 3.07
C SER B 160 16.76 -50.01 2.45
N GLY B 161 17.92 -49.75 3.04
CA GLY B 161 18.77 -48.70 2.53
C GLY B 161 18.40 -47.36 3.14
N GLU B 162 17.55 -47.37 4.16
CA GLU B 162 17.14 -46.15 4.82
C GLU B 162 16.77 -46.39 6.28
N GLY B 163 16.68 -45.30 7.04
CA GLY B 163 16.33 -45.39 8.45
C GLY B 163 17.38 -44.86 9.41
N LEU B 164 18.65 -44.86 8.99
CA LEU B 164 19.74 -44.38 9.84
C LEU B 164 20.56 -43.24 9.24
N ALA B 165 19.96 -42.50 8.32
CA ALA B 165 20.63 -41.37 7.67
C ALA B 165 21.14 -40.36 8.71
N PHE B 166 20.36 -40.18 9.76
CA PHE B 166 20.73 -39.27 10.83
C PHE B 166 22.14 -39.47 11.36
N PHE B 167 22.53 -40.73 11.51
CA PHE B 167 23.84 -41.06 12.04
C PHE B 167 25.02 -40.82 11.10
N THR B 168 24.74 -40.31 9.91
CA THR B 168 25.83 -40.05 8.98
C THR B 168 25.88 -38.60 8.51
N PHE B 169 27.02 -37.97 8.74
CA PHE B 169 27.23 -36.60 8.29
C PHE B 169 28.01 -36.75 6.99
N PRO B 170 27.30 -36.71 5.86
CA PRO B 170 27.96 -36.86 4.55
C PRO B 170 28.94 -35.75 4.17
N ASN B 171 28.78 -34.57 4.76
CA ASN B 171 29.66 -33.46 4.43
C ASN B 171 30.82 -33.27 5.41
N ILE B 172 31.10 -34.31 6.21
CA ILE B 172 32.20 -34.28 7.16
C ILE B 172 33.01 -35.58 7.00
N ALA B 173 34.21 -35.46 6.49
CA ALA B 173 35.05 -36.62 6.25
C ALA B 173 35.67 -37.22 7.50
N SER B 174 35.93 -36.38 8.50
CA SER B 174 36.53 -36.82 9.75
C SER B 174 35.94 -36.06 10.94
N ALA B 175 35.17 -36.76 11.77
CA ALA B 175 34.55 -36.14 12.93
C ALA B 175 35.61 -35.44 13.78
N THR B 176 36.75 -36.10 13.94
CA THR B 176 37.87 -35.58 14.74
C THR B 176 38.33 -34.22 14.22
N LYS B 177 38.65 -34.15 12.93
CA LYS B 177 39.10 -32.90 12.36
C LYS B 177 38.03 -31.81 12.49
N PHE B 178 36.77 -32.14 12.21
CA PHE B 178 35.71 -31.12 12.32
C PHE B 178 35.50 -30.63 13.74
N LYS B 179 35.53 -31.55 14.70
CA LYS B 179 35.32 -31.18 16.09
C LYS B 179 36.36 -30.18 16.61
N GLN B 180 37.61 -30.36 16.20
CA GLN B 180 38.68 -29.46 16.61
C GLN B 180 38.41 -28.07 16.09
N LEU B 181 37.96 -27.99 14.84
CA LEU B 181 37.65 -26.72 14.21
C LEU B 181 36.49 -26.05 14.92
N TYR B 182 35.44 -26.83 15.19
CA TYR B 182 34.27 -26.30 15.87
C TYR B 182 34.67 -25.74 17.24
N ARG B 183 35.56 -26.43 17.95
CA ARG B 183 35.98 -25.95 19.26
C ARG B 183 36.77 -24.65 19.12
N SER B 184 37.58 -24.57 18.08
CA SER B 184 38.37 -23.37 17.83
C SER B 184 37.44 -22.17 17.64
N ARG B 185 36.34 -22.39 16.94
CA ARG B 185 35.38 -21.32 16.69
C ARG B 185 34.70 -20.88 17.98
N MET B 186 34.27 -21.86 18.78
CA MET B 186 33.62 -21.55 20.04
C MET B 186 34.55 -20.73 20.92
N ASN B 187 35.85 -21.00 20.82
CA ASN B 187 36.82 -20.28 21.62
C ASN B 187 37.14 -18.88 21.11
N SER B 188 36.82 -18.62 19.84
CA SER B 188 37.07 -17.31 19.26
C SER B 188 35.92 -16.40 19.66
N LEU B 189 34.79 -17.00 20.02
CA LEU B 189 33.60 -16.29 20.43
C LEU B 189 33.89 -15.24 21.50
N GLU B 190 33.43 -14.01 21.25
CA GLU B 190 33.61 -12.89 22.16
C GLU B 190 32.47 -12.90 23.17
N MET B 191 32.79 -12.93 24.45
CA MET B 191 31.76 -12.90 25.49
C MET B 191 32.27 -12.44 26.86
N THR B 192 31.42 -11.70 27.58
CA THR B 192 31.78 -11.20 28.90
C THR B 192 31.75 -12.36 29.89
N PRO B 193 32.36 -12.17 31.08
CA PRO B 193 32.38 -13.21 32.11
C PRO B 193 30.98 -13.70 32.48
N ALA B 194 30.02 -12.79 32.49
CA ALA B 194 28.64 -13.13 32.84
C ALA B 194 28.02 -14.07 31.79
N VAL B 195 28.05 -13.63 30.53
CA VAL B 195 27.50 -14.43 29.45
C VAL B 195 28.14 -15.81 29.40
N ARG B 196 29.44 -15.87 29.64
CA ARG B 196 30.15 -17.14 29.63
C ARG B 196 29.54 -18.08 30.67
N GLN B 197 29.24 -17.54 31.84
CA GLN B 197 28.66 -18.33 32.92
C GLN B 197 27.29 -18.86 32.51
N ARG B 198 26.44 -17.98 31.98
CA ARG B 198 25.10 -18.34 31.54
C ARG B 198 25.14 -19.43 30.45
N VAL B 199 26.14 -19.35 29.57
CA VAL B 199 26.32 -20.31 28.50
C VAL B 199 26.61 -21.69 29.10
N ILE B 200 27.52 -21.73 30.06
CA ILE B 200 27.88 -22.99 30.72
C ILE B 200 26.68 -23.58 31.43
N GLU B 201 25.86 -22.72 32.03
CA GLU B 201 24.67 -23.19 32.73
C GLU B 201 23.68 -23.74 31.71
N GLU B 202 23.58 -23.07 30.57
CA GLU B 202 22.68 -23.50 29.50
C GLU B 202 23.12 -24.87 28.99
N ALA B 203 24.42 -25.12 28.96
CA ALA B 203 24.94 -26.41 28.54
C ALA B 203 24.38 -27.49 29.47
N LYS B 204 24.51 -27.26 30.77
CA LYS B 204 23.98 -28.22 31.74
C LYS B 204 22.47 -28.37 31.56
N THR B 205 21.78 -27.25 31.35
CA THR B 205 20.33 -27.27 31.14
C THR B 205 20.02 -28.17 29.93
N ALA B 206 20.91 -28.13 28.93
CA ALA B 206 20.71 -28.92 27.74
C ALA B 206 20.73 -30.39 28.12
N PHE B 207 21.76 -30.80 28.86
CA PHE B 207 21.87 -32.18 29.30
C PHE B 207 20.66 -32.59 30.11
N LEU B 208 20.33 -31.79 31.12
CA LEU B 208 19.20 -32.10 31.97
C LEU B 208 17.96 -32.37 31.14
N LEU B 209 17.77 -31.59 30.07
CA LEU B 209 16.63 -31.78 29.20
C LEU B 209 16.68 -33.15 28.52
N ASN B 210 17.89 -33.58 28.16
CA ASN B 210 18.08 -34.87 27.52
C ASN B 210 17.85 -35.96 28.55
N ILE B 211 18.41 -35.76 29.74
CA ILE B 211 18.27 -36.71 30.82
C ILE B 211 16.79 -36.95 31.13
N GLN B 212 16.03 -35.88 31.32
CA GLN B 212 14.61 -36.06 31.62
C GLN B 212 13.81 -36.59 30.43
N LEU B 213 14.36 -36.46 29.23
CA LEU B 213 13.69 -36.96 28.04
C LEU B 213 13.79 -38.50 28.07
N PHE B 214 14.96 -39.00 28.46
CA PHE B 214 15.19 -40.45 28.54
C PHE B 214 14.32 -41.08 29.64
N GLU B 215 14.06 -40.33 30.71
CA GLU B 215 13.25 -40.83 31.81
C GLU B 215 11.80 -40.96 31.37
N GLU B 216 11.34 -40.01 30.56
CA GLU B 216 9.98 -40.05 30.07
C GLU B 216 9.84 -41.18 29.07
N LEU B 217 10.87 -41.37 28.26
CA LEU B 217 10.84 -42.43 27.26
C LEU B 217 10.83 -43.78 27.97
N GLN B 218 11.65 -43.91 28.99
CA GLN B 218 11.74 -45.15 29.76
C GLN B 218 10.41 -45.51 30.43
N GLU B 219 9.76 -44.53 31.05
CA GLU B 219 8.49 -44.78 31.71
C GLU B 219 7.36 -44.98 30.71
N LEU B 220 7.55 -44.46 29.50
CA LEU B 220 6.56 -44.61 28.44
C LEU B 220 6.55 -46.04 27.91
N LEU B 221 7.74 -46.61 27.78
CA LEU B 221 7.90 -47.97 27.28
C LEU B 221 7.47 -49.01 28.31
N THR B 222 7.93 -48.84 29.54
CA THR B 222 7.60 -49.76 30.62
C THR B 222 6.21 -49.50 31.17
N HIS B 223 5.28 -49.16 30.29
CA HIS B 223 3.91 -48.87 30.70
C HIS B 223 2.93 -49.86 30.03
#